data_7T5D
#
_entry.id   7T5D
#
_cell.length_a   67.730
_cell.length_b   42.180
_cell.length_c   69.760
_cell.angle_alpha   90.000
_cell.angle_beta   99.000
_cell.angle_gamma   90.000
#
_symmetry.space_group_name_H-M   'P 1 21 1'
#
loop_
_entity.id
_entity.type
_entity.pdbx_description
1 polymer 'Lytic polysaccharide monooxygenase'
2 branched 2-acetamido-2-deoxy-beta-D-glucopyranose-(1-4)-2-acetamido-2-deoxy-beta-D-glucopyranose
3 non-polymer 'COPPER (II) ION'
4 non-polymer 'HYDROGEN PEROXIDE'
5 non-polymer 'OXYGEN MOLECULE'
6 water water
#
_entity_poly.entity_id   1
_entity_poly.type   'polypeptide(L)'
_entity_poly.pdbx_seq_one_letter_code
;HTIFSSLEVNGVNQGLGEGVRVPTYNGPIEDVTSASIACNGSPNTVASTSKVITVQAGTNVTAIWRYMLSTTGDSPADVM
DSSHKGPTIAYLKKVDNAATASGVGNGWFKIQQDGMDSSGVWGTERVINGKGRHSIKIPECIAPGQYLLRAEMIALHAAS
NYPGAQFYMECAQLNVVGGTGAKTPSTVSFPGAYSGSDPGVKISIYWPPVTSYTVPGPSVFTC
;
_entity_poly.pdbx_strand_id   A,B
#
loop_
_chem_comp.id
_chem_comp.type
_chem_comp.name
_chem_comp.formula
CU non-polymer 'COPPER (II) ION' 'Cu 2'
NAG D-saccharide, beta linking 2-acetamido-2-deoxy-beta-D-glucopyranose 'C8 H15 N O6'
OXY non-polymer 'OXYGEN MOLECULE' O2
PEO non-polymer 'HYDROGEN PEROXIDE' 'H2 O2'
#
# COMPACT_ATOMS: atom_id res chain seq x y z
N HIS A 1 5.17 2.67 5.87
CA HIS A 1 4.02 3.55 5.85
C HIS A 1 4.28 4.82 6.64
N THR A 2 4.36 5.95 5.92
CA THR A 2 4.59 7.25 6.55
C THR A 2 4.32 8.33 5.52
N ILE A 3 4.28 9.57 5.99
CA ILE A 3 3.95 10.72 5.15
C ILE A 3 4.81 11.90 5.56
N PHE A 4 5.39 12.58 4.57
CA PHE A 4 6.05 13.87 4.78
C PHE A 4 4.96 14.92 4.75
N SER A 5 4.47 15.28 5.94
CA SER A 5 3.28 16.12 6.07
C SER A 5 3.57 17.59 6.29
N SER A 6 4.70 17.93 6.93
CA SER A 6 5.00 19.32 7.25
C SER A 6 6.48 19.59 6.99
N LEU A 7 6.78 20.85 6.69
CA LEU A 7 8.13 21.29 6.38
C LEU A 7 8.51 22.46 7.29
N GLU A 8 9.79 22.50 7.67
CA GLU A 8 10.29 23.49 8.61
C GLU A 8 11.23 24.47 7.89
N VAL A 9 11.01 25.76 8.11
CA VAL A 9 11.84 26.81 7.52
C VAL A 9 11.96 27.94 8.54
N ASN A 10 13.12 28.62 8.50
CA ASN A 10 13.49 29.61 9.53
C ASN A 10 13.36 29.02 10.93
N GLY A 11 13.54 27.70 11.04
CA GLY A 11 13.45 27.02 12.31
C GLY A 11 12.04 26.83 12.83
N VAL A 12 11.02 27.19 12.06
CA VAL A 12 9.63 27.05 12.47
C VAL A 12 8.91 26.20 11.45
N ASN A 13 7.99 25.36 11.93
CA ASN A 13 7.21 24.51 11.04
C ASN A 13 6.05 25.29 10.44
N GLN A 14 5.79 25.05 9.16
CA GLN A 14 4.81 25.81 8.41
C GLN A 14 3.40 25.27 8.53
N GLY A 15 3.21 24.10 9.12
CA GLY A 15 1.89 23.56 9.35
C GLY A 15 1.64 22.30 8.52
N LEU A 16 0.67 21.52 8.97
CA LEU A 16 0.29 20.29 8.27
C LEU A 16 -0.34 20.61 6.93
N GLY A 17 0.20 20.03 5.87
CA GLY A 17 -0.34 20.22 4.54
C GLY A 17 -0.23 21.62 3.99
N GLU A 18 0.41 22.54 4.71
CA GLU A 18 0.58 23.91 4.25
C GLU A 18 1.89 23.99 3.47
N GLY A 19 1.78 24.16 2.15
CA GLY A 19 2.95 24.15 1.29
C GLY A 19 3.42 22.77 0.89
N VAL A 20 2.67 21.72 1.25
CA VAL A 20 3.06 20.35 0.95
C VAL A 20 1.81 19.60 0.49
N ARG A 21 1.85 19.08 -0.73
CA ARG A 21 0.76 18.25 -1.25
C ARG A 21 0.84 16.88 -0.59
N VAL A 22 -0.08 16.60 0.32
CA VAL A 22 0.00 15.40 1.16
C VAL A 22 -1.04 14.38 0.72
N PRO A 23 -0.77 13.09 0.89
CA PRO A 23 -1.81 12.08 0.66
C PRO A 23 -2.58 11.76 1.92
N THR A 24 -3.86 11.44 1.74
CA THR A 24 -4.71 11.09 2.88
C THR A 24 -4.40 9.70 3.42
N TYR A 25 -3.71 8.87 2.65
CA TYR A 25 -3.36 7.51 3.05
C TYR A 25 -1.86 7.32 2.94
N ASN A 26 -1.27 6.69 3.94
CA ASN A 26 0.18 6.50 4.01
C ASN A 26 0.62 5.25 3.25
N GLY A 27 0.15 5.10 2.02
CA GLY A 27 0.53 3.97 1.20
C GLY A 27 1.61 4.33 0.20
N PRO A 28 2.49 3.39 -0.12
CA PRO A 28 3.55 3.66 -1.09
C PRO A 28 3.11 3.44 -2.53
N ILE A 29 3.79 4.15 -3.43
CA ILE A 29 3.71 3.90 -4.86
C ILE A 29 4.79 2.89 -5.22
N GLU A 30 4.39 1.79 -5.84
CA GLU A 30 5.32 0.71 -6.16
C GLU A 30 5.65 0.60 -7.64
N ASP A 31 4.93 1.33 -8.50
CA ASP A 31 5.18 1.30 -9.94
C ASP A 31 5.99 2.54 -10.31
N VAL A 32 7.31 2.37 -10.43
CA VAL A 32 8.20 3.50 -10.70
C VAL A 32 7.84 4.19 -12.00
N THR A 33 7.19 3.47 -12.93
CA THR A 33 6.80 4.07 -14.19
C THR A 33 5.49 4.84 -14.10
N SER A 34 4.79 4.77 -12.96
CA SER A 34 3.53 5.48 -12.80
C SER A 34 3.78 6.94 -12.47
N ALA A 35 2.95 7.82 -13.02
CA ALA A 35 3.12 9.26 -12.80
C ALA A 35 3.11 9.62 -11.32
N SER A 36 2.54 8.78 -10.46
CA SER A 36 2.49 9.06 -9.03
C SER A 36 3.88 8.98 -8.37
N ILE A 37 4.89 8.46 -9.06
CA ILE A 37 6.21 8.35 -8.46
C ILE A 37 6.83 9.72 -8.21
N ALA A 38 6.36 10.75 -8.92
CA ALA A 38 6.88 12.10 -8.74
C ALA A 38 6.43 12.69 -7.40
N CYS A 39 5.14 12.99 -7.29
CA CYS A 39 4.59 13.62 -6.09
C CYS A 39 3.39 12.82 -5.58
N ASN A 40 3.56 11.51 -5.48
CA ASN A 40 2.48 10.64 -5.04
C ASN A 40 1.32 10.73 -6.02
N GLY A 41 0.25 10.00 -5.77
CA GLY A 41 -0.93 10.06 -6.61
C GLY A 41 -1.67 8.74 -6.61
N SER A 42 -2.46 8.55 -7.66
CA SER A 42 -3.30 7.37 -7.78
C SER A 42 -2.46 6.10 -7.57
N PRO A 43 -3.01 5.05 -6.93
CA PRO A 43 -4.38 4.97 -6.42
C PRO A 43 -4.62 5.76 -5.13
N ASN A 44 -3.62 6.52 -4.71
CA ASN A 44 -3.76 7.41 -3.56
C ASN A 44 -4.34 8.75 -4.01
N THR A 45 -4.88 9.49 -3.05
CA THR A 45 -5.47 10.80 -3.29
C THR A 45 -4.62 11.87 -2.60
N VAL A 46 -4.16 12.85 -3.38
CA VAL A 46 -3.31 13.91 -2.88
C VAL A 46 -4.07 15.22 -2.93
N ALA A 47 -3.94 16.02 -1.87
CA ALA A 47 -4.63 17.30 -1.78
C ALA A 47 -3.73 18.43 -2.28
N SER A 48 -4.37 19.50 -2.73
CA SER A 48 -3.67 20.67 -3.25
C SER A 48 -3.49 21.71 -2.14
N THR A 49 -2.62 22.67 -2.41
CA THR A 49 -2.34 23.75 -1.47
C THR A 49 -1.87 24.97 -2.24
N SER A 50 -2.25 26.15 -1.75
CA SER A 50 -1.93 27.42 -2.41
C SER A 50 -0.89 28.22 -1.64
N LYS A 51 -0.09 27.57 -0.81
CA LYS A 51 0.95 28.24 -0.04
C LYS A 51 2.31 27.93 -0.65
N VAL A 52 3.04 28.98 -1.02
CA VAL A 52 4.39 28.85 -1.55
C VAL A 52 5.34 29.38 -0.49
N ILE A 53 6.16 28.52 0.08
CA ILE A 53 7.03 28.88 1.20
C ILE A 53 8.22 29.65 0.66
N THR A 54 8.53 30.78 1.30
CA THR A 54 9.66 31.61 0.91
C THR A 54 10.89 31.13 1.66
N VAL A 55 11.83 30.54 0.93
CA VAL A 55 13.10 30.08 1.49
C VAL A 55 14.22 30.85 0.82
N GLN A 56 15.20 31.29 1.62
CA GLN A 56 16.35 31.99 1.10
C GLN A 56 17.45 30.97 0.75
N ALA A 57 18.06 31.16 -0.42
CA ALA A 57 19.01 30.16 -0.92
C ALA A 57 20.16 29.96 0.05
N GLY A 58 20.60 28.71 0.18
CA GLY A 58 21.69 28.34 1.04
C GLY A 58 21.27 27.73 2.36
N THR A 59 20.06 27.73 2.68
CA THR A 59 19.66 27.49 4.05
C THR A 59 19.14 26.06 4.14
N ASN A 60 18.82 25.42 5.22
CA ASN A 60 18.28 24.08 5.33
C ASN A 60 16.77 24.13 5.51
N VAL A 61 16.16 23.23 4.88
CA VAL A 61 14.78 22.87 5.20
C VAL A 61 14.79 21.47 5.81
N THR A 62 13.75 21.16 6.58
CA THR A 62 13.65 19.88 7.25
C THR A 62 12.26 19.29 6.99
N ALA A 63 12.23 18.15 6.33
CA ALA A 63 10.97 17.46 6.03
C ALA A 63 10.58 16.58 7.20
N ILE A 64 9.39 16.81 7.75
CA ILE A 64 8.91 16.06 8.90
C ILE A 64 8.07 14.90 8.40
N TRP A 65 8.53 13.68 8.67
CA TRP A 65 7.83 12.47 8.26
C TRP A 65 6.96 11.96 9.40
N ARG A 66 5.76 11.51 9.05
CA ARG A 66 4.78 11.12 10.05
C ARG A 66 4.00 9.89 9.56
N TYR A 67 3.77 8.96 10.48
CA TYR A 67 3.05 7.74 10.14
C TYR A 67 1.68 8.05 9.53
N MET A 68 1.05 9.13 9.97
CA MET A 68 -0.25 9.53 9.42
C MET A 68 -0.43 11.02 9.66
N LEU A 69 -1.32 11.61 8.88
CA LEU A 69 -1.60 13.04 9.03
C LEU A 69 -2.06 13.36 10.44
N SER A 70 -2.82 12.47 11.06
CA SER A 70 -3.33 12.67 12.42
C SER A 70 -2.29 12.32 13.48
N THR A 71 -1.12 11.83 13.10
CA THR A 71 -0.10 11.50 14.08
C THR A 71 0.35 12.75 14.83
N THR A 72 0.47 12.61 16.15
CA THR A 72 0.82 13.74 17.01
C THR A 72 2.19 13.62 17.65
N GLY A 73 2.65 12.40 17.94
CA GLY A 73 3.93 12.20 18.59
C GLY A 73 5.08 12.20 17.60
N ASP A 74 6.27 11.91 18.14
CA ASP A 74 7.48 11.85 17.33
C ASP A 74 8.33 10.62 17.65
N SER A 75 7.77 9.64 18.35
CA SER A 75 8.50 8.42 18.66
C SER A 75 8.81 7.66 17.39
N PRO A 76 9.70 6.67 17.45
CA PRO A 76 10.02 5.89 16.25
C PRO A 76 8.79 5.29 15.59
N ALA A 77 7.78 4.90 16.37
CA ALA A 77 6.56 4.35 15.80
C ALA A 77 5.70 5.42 15.16
N ASP A 78 5.86 6.68 15.56
CA ASP A 78 5.07 7.77 14.98
C ASP A 78 5.59 8.22 13.63
N VAL A 79 6.83 7.87 13.28
CA VAL A 79 7.38 8.21 11.98
C VAL A 79 7.09 7.09 11.00
N MET A 80 7.77 5.95 11.17
CA MET A 80 7.56 4.79 10.32
C MET A 80 8.04 3.55 11.05
N ASP A 81 7.58 2.39 10.58
CA ASP A 81 7.96 1.13 11.19
C ASP A 81 9.48 0.94 11.13
N SER A 82 10.03 0.29 12.16
CA SER A 82 11.47 0.05 12.21
C SER A 82 11.93 -0.89 11.10
N SER A 83 11.05 -1.74 10.58
CA SER A 83 11.44 -2.66 9.52
C SER A 83 11.68 -1.94 8.19
N HIS A 84 11.12 -0.74 8.02
CA HIS A 84 11.24 -0.02 6.76
C HIS A 84 12.64 0.57 6.67
N LYS A 85 13.60 -0.30 6.37
CA LYS A 85 14.99 0.10 6.20
C LYS A 85 15.25 0.46 4.74
N GLY A 86 15.90 1.60 4.52
CA GLY A 86 16.19 2.06 3.19
C GLY A 86 16.75 3.47 3.18
N PRO A 87 16.94 4.01 1.98
CA PRO A 87 17.55 5.34 1.85
C PRO A 87 16.54 6.48 1.98
N THR A 88 17.08 7.69 2.05
CA THR A 88 16.28 8.91 2.07
C THR A 88 16.88 9.87 1.04
N ILE A 89 16.02 10.46 0.21
CA ILE A 89 16.46 11.26 -0.93
C ILE A 89 15.65 12.55 -1.01
N ALA A 90 16.21 13.52 -1.72
CA ALA A 90 15.52 14.79 -1.97
C ALA A 90 15.92 15.30 -3.35
N TYR A 91 14.97 15.94 -4.02
CA TYR A 91 15.17 16.51 -5.35
C TYR A 91 14.59 17.91 -5.39
N LEU A 92 14.88 18.60 -6.50
CA LEU A 92 14.30 19.92 -6.77
C LEU A 92 13.97 20.02 -8.25
N LYS A 93 12.88 20.72 -8.56
CA LYS A 93 12.42 20.89 -9.93
CA LYS A 93 12.42 20.89 -9.93
C LYS A 93 12.03 22.34 -10.14
N LYS A 94 12.58 22.96 -11.19
CA LYS A 94 12.27 24.34 -11.52
C LYS A 94 10.95 24.38 -12.29
N VAL A 95 9.94 25.01 -11.70
CA VAL A 95 8.62 25.12 -12.31
C VAL A 95 8.24 26.59 -12.40
N ASP A 96 7.26 26.87 -13.26
CA ASP A 96 6.78 28.24 -13.41
C ASP A 96 5.93 28.65 -12.20
N ASN A 97 5.23 27.70 -11.60
CA ASN A 97 4.23 28.00 -10.58
C ASN A 97 4.18 26.80 -9.63
N ALA A 98 4.82 26.94 -8.46
CA ALA A 98 4.89 25.81 -7.53
C ALA A 98 3.53 25.43 -6.99
N ALA A 99 2.53 26.30 -7.10
CA ALA A 99 1.20 26.02 -6.56
C ALA A 99 0.34 25.17 -7.50
N THR A 100 0.74 25.02 -8.76
CA THR A 100 -0.04 24.26 -9.71
C THR A 100 0.78 23.33 -10.61
N ALA A 101 2.11 23.42 -10.60
CA ALA A 101 2.92 22.57 -11.46
C ALA A 101 2.73 21.10 -11.08
N SER A 102 2.56 20.25 -12.09
CA SER A 102 2.32 18.84 -11.83
C SER A 102 3.53 18.17 -11.21
N GLY A 103 4.72 18.46 -11.74
CA GLY A 103 5.94 17.87 -11.22
C GLY A 103 6.34 16.57 -11.89
N VAL A 104 5.55 16.06 -12.83
CA VAL A 104 5.87 14.83 -13.53
C VAL A 104 6.67 15.17 -14.78
N GLY A 105 7.81 14.50 -14.96
CA GLY A 105 8.64 14.71 -16.13
C GLY A 105 10.01 15.26 -15.81
N ASN A 106 10.69 15.79 -16.83
CA ASN A 106 12.04 16.30 -16.67
C ASN A 106 12.08 17.43 -15.66
N GLY A 107 13.28 17.74 -15.19
CA GLY A 107 13.52 18.88 -14.32
C GLY A 107 14.04 18.53 -12.93
N TRP A 108 14.10 17.26 -12.57
CA TRP A 108 14.51 16.87 -11.23
C TRP A 108 16.02 16.70 -11.14
N PHE A 109 16.62 17.26 -10.10
CA PHE A 109 18.03 17.09 -9.82
C PHE A 109 18.23 16.84 -8.34
N LYS A 110 19.08 15.87 -8.01
CA LYS A 110 19.24 15.42 -6.64
C LYS A 110 20.07 16.42 -5.84
N ILE A 111 19.68 16.61 -4.58
CA ILE A 111 20.41 17.51 -3.68
C ILE A 111 20.78 16.85 -2.36
N GLN A 112 20.12 15.77 -1.94
CA GLN A 112 20.49 15.07 -0.72
C GLN A 112 20.23 13.59 -0.91
N GLN A 113 21.03 12.77 -0.23
CA GLN A 113 20.84 11.32 -0.24
C GLN A 113 21.56 10.74 0.96
N ASP A 114 20.91 9.79 1.63
CA ASP A 114 21.45 9.15 2.83
C ASP A 114 21.07 7.68 2.78
N GLY A 115 21.94 6.87 2.19
CA GLY A 115 21.71 5.44 2.11
C GLY A 115 22.33 4.69 3.28
N MET A 116 23.26 3.78 2.97
CA MET A 116 23.95 3.00 3.98
C MET A 116 25.31 3.61 4.26
N ASP A 117 25.66 3.77 5.53
CA ASP A 117 26.93 4.33 5.93
C ASP A 117 27.94 3.22 6.20
N SER A 118 29.13 3.61 6.65
CA SER A 118 30.18 2.63 6.93
C SER A 118 29.79 1.69 8.07
N SER A 119 28.85 2.10 8.92
CA SER A 119 28.39 1.28 10.03
C SER A 119 27.24 0.36 9.65
N GLY A 120 26.63 0.57 8.48
CA GLY A 120 25.50 -0.23 8.07
C GLY A 120 24.15 0.28 8.50
N VAL A 121 24.07 1.54 8.92
CA VAL A 121 22.82 2.14 9.37
C VAL A 121 22.19 2.88 8.20
N TRP A 122 20.90 2.61 7.96
CA TRP A 122 20.20 3.23 6.85
C TRP A 122 19.74 4.64 7.22
N GLY A 123 19.48 5.44 6.18
CA GLY A 123 19.02 6.80 6.41
C GLY A 123 17.65 6.87 7.04
N THR A 124 16.77 5.92 6.70
CA THR A 124 15.44 5.89 7.31
C THR A 124 15.54 5.68 8.82
N GLU A 125 16.45 4.80 9.26
CA GLU A 125 16.62 4.56 10.69
C GLU A 125 16.95 5.83 11.45
N ARG A 126 17.51 6.83 10.78
CA ARG A 126 17.84 8.10 11.43
C ARG A 126 16.67 9.06 11.42
N VAL A 127 15.90 9.09 10.34
CA VAL A 127 14.68 9.89 10.32
C VAL A 127 13.65 9.32 11.29
N ILE A 128 13.48 7.99 11.29
CA ILE A 128 12.54 7.37 12.21
C ILE A 128 12.98 7.62 13.65
N ASN A 129 14.22 7.25 13.97
CA ASN A 129 14.74 7.35 15.32
C ASN A 129 15.34 8.74 15.61
N GLY A 130 15.06 9.72 14.76
CA GLY A 130 15.48 11.09 15.00
C GLY A 130 14.30 12.05 14.97
N LYS A 131 13.16 11.58 15.44
CA LYS A 131 11.94 12.40 15.53
C LYS A 131 11.46 12.83 14.14
N GLY A 132 11.64 11.98 13.14
CA GLY A 132 11.10 12.22 11.82
C GLY A 132 11.68 13.37 11.06
N ARG A 133 12.83 13.90 11.49
CA ARG A 133 13.44 15.06 10.84
C ARG A 133 14.33 14.60 9.69
N HIS A 134 14.18 15.18 8.51
CA HIS A 134 14.84 14.87 7.25
C HIS A 134 15.44 16.17 6.73
N SER A 135 16.67 16.51 7.35
CA SER A 135 17.33 17.77 7.01
C SER A 135 17.83 17.73 5.57
N ILE A 136 17.62 18.83 4.85
CA ILE A 136 17.96 18.93 3.44
C ILE A 136 18.62 20.27 3.18
N LYS A 137 19.65 20.27 2.33
CA LYS A 137 20.34 21.49 1.95
C LYS A 137 19.71 22.07 0.69
N ILE A 138 19.49 23.39 0.69
CA ILE A 138 19.08 24.12 -0.50
C ILE A 138 20.33 24.76 -1.09
N PRO A 139 20.76 24.36 -2.30
CA PRO A 139 21.99 24.94 -2.85
C PRO A 139 21.89 26.45 -3.00
N GLU A 140 23.06 27.08 -3.15
CA GLU A 140 23.15 28.52 -3.32
C GLU A 140 23.35 28.94 -4.77
N CYS A 141 23.84 28.05 -5.62
CA CYS A 141 24.16 28.40 -6.99
C CYS A 141 22.99 28.24 -7.96
N ILE A 142 21.87 27.66 -7.51
CA ILE A 142 20.72 27.54 -8.40
C ILE A 142 20.06 28.90 -8.59
N ALA A 143 19.21 28.99 -9.61
CA ALA A 143 18.53 30.24 -9.91
C ALA A 143 17.35 30.44 -8.96
N PRO A 144 16.99 31.70 -8.68
CA PRO A 144 15.84 31.95 -7.81
C PRO A 144 14.53 31.79 -8.55
N GLY A 145 13.47 31.63 -7.77
CA GLY A 145 12.13 31.50 -8.30
C GLY A 145 11.39 30.34 -7.66
N GLN A 146 10.42 29.81 -8.38
CA GLN A 146 9.58 28.74 -7.87
C GLN A 146 10.26 27.38 -8.03
N TYR A 147 10.02 26.49 -7.08
CA TYR A 147 10.61 25.17 -7.10
C TYR A 147 9.64 24.16 -6.50
N LEU A 148 10.00 22.88 -6.63
CA LEU A 148 9.23 21.80 -6.02
C LEU A 148 10.22 20.84 -5.37
N LEU A 149 10.16 20.75 -4.03
CA LEU A 149 11.04 19.85 -3.28
C LEU A 149 10.34 18.51 -3.12
N ARG A 150 10.97 17.46 -3.62
CA ARG A 150 10.43 16.10 -3.56
C ARG A 150 11.28 15.29 -2.57
N ALA A 151 10.84 15.27 -1.31
CA ALA A 151 11.46 14.42 -0.31
C ALA A 151 10.93 12.99 -0.44
N GLU A 152 11.78 12.02 -0.13
CA GLU A 152 11.45 10.62 -0.35
C GLU A 152 12.19 9.75 0.64
N MET A 153 11.55 8.63 1.00
CA MET A 153 12.18 7.60 1.83
C MET A 153 11.66 6.25 1.34
N ILE A 154 12.55 5.45 0.78
CA ILE A 154 12.19 4.14 0.23
C ILE A 154 12.43 3.07 1.29
N ALA A 155 11.56 2.07 1.32
CA ALA A 155 11.71 0.91 2.19
C ALA A 155 12.11 -0.29 1.34
N LEU A 156 12.97 -1.15 1.90
CA LEU A 156 13.48 -2.30 1.17
C LEU A 156 13.35 -3.58 1.99
N HIS A 157 12.36 -3.63 2.89
CA HIS A 157 12.11 -4.84 3.66
C HIS A 157 11.46 -5.93 2.82
N ALA A 158 11.04 -5.62 1.59
CA ALA A 158 10.45 -6.63 0.72
C ALA A 158 10.77 -6.36 -0.75
N ALA A 159 11.95 -5.82 -1.03
CA ALA A 159 12.36 -5.49 -2.38
C ALA A 159 13.21 -6.58 -3.02
N SER A 160 13.19 -7.80 -2.48
CA SER A 160 13.96 -8.88 -3.05
C SER A 160 13.67 -9.07 -4.54
N ASN A 161 12.44 -8.74 -4.96
CA ASN A 161 12.05 -8.83 -6.36
C ASN A 161 11.14 -7.67 -6.70
N TYR A 162 11.12 -7.29 -7.97
CA TYR A 162 10.27 -6.20 -8.43
C TYR A 162 9.00 -6.74 -9.05
N PRO A 163 7.81 -6.25 -8.68
CA PRO A 163 7.57 -5.20 -7.68
C PRO A 163 7.86 -5.67 -6.25
N GLY A 164 8.37 -4.77 -5.43
CA GLY A 164 8.70 -5.09 -4.05
C GLY A 164 9.05 -3.87 -3.23
N ALA A 165 9.92 -3.02 -3.77
CA ALA A 165 10.28 -1.78 -3.09
C ALA A 165 9.04 -0.94 -2.84
N GLN A 166 9.13 -0.08 -1.84
CA GLN A 166 8.03 0.80 -1.45
C GLN A 166 8.53 2.23 -1.43
N PHE A 167 7.97 3.07 -2.30
CA PHE A 167 8.41 4.44 -2.47
C PHE A 167 7.41 5.38 -1.80
N TYR A 168 7.87 6.12 -0.79
CA TYR A 168 7.07 7.14 -0.12
C TYR A 168 7.66 8.51 -0.43
N MET A 169 6.83 9.42 -0.91
CA MET A 169 7.31 10.76 -1.26
C MET A 169 6.15 11.74 -1.21
N GLU A 170 6.47 12.98 -0.82
CA GLU A 170 5.54 14.09 -0.89
C GLU A 170 6.31 15.33 -1.34
N CYS A 171 5.68 16.15 -2.17
CA CYS A 171 6.33 17.32 -2.76
C CYS A 171 5.91 18.57 -2.01
N ALA A 172 6.87 19.49 -1.86
CA ALA A 172 6.63 20.76 -1.18
C ALA A 172 6.80 21.91 -2.16
N GLN A 173 6.11 23.01 -1.88
CA GLN A 173 6.16 24.20 -2.72
C GLN A 173 7.07 25.24 -2.08
N LEU A 174 8.05 25.72 -2.85
CA LEU A 174 9.03 26.66 -2.33
C LEU A 174 9.24 27.80 -3.33
N ASN A 175 9.78 28.90 -2.81
CA ASN A 175 10.21 30.04 -3.62
C ASN A 175 11.62 30.40 -3.19
N VAL A 176 12.61 29.90 -3.93
CA VAL A 176 14.01 30.14 -3.58
C VAL A 176 14.35 31.60 -3.87
N VAL A 177 14.85 32.29 -2.86
CA VAL A 177 15.26 33.69 -2.97
C VAL A 177 16.74 33.79 -2.62
N GLY A 178 17.48 34.56 -3.40
CA GLY A 178 18.90 34.74 -3.18
C GLY A 178 19.80 33.82 -3.98
N GLY A 179 19.24 32.84 -4.69
CA GLY A 179 20.03 31.98 -5.52
C GLY A 179 20.86 32.75 -6.52
N THR A 180 22.16 32.46 -6.59
CA THR A 180 23.05 33.20 -7.47
C THR A 180 23.02 32.69 -8.91
N GLY A 181 22.34 31.58 -9.18
CA GLY A 181 22.25 31.05 -10.52
C GLY A 181 23.61 30.81 -11.15
N ALA A 182 24.60 30.45 -10.33
CA ALA A 182 25.95 30.22 -10.79
C ALA A 182 26.19 28.79 -11.24
N LYS A 183 25.13 28.04 -11.52
CA LYS A 183 25.27 26.67 -12.00
C LYS A 183 23.91 26.18 -12.47
N THR A 184 23.94 25.27 -13.45
CA THR A 184 22.72 24.69 -14.01
C THR A 184 22.75 23.18 -13.81
N PRO A 185 21.89 22.63 -12.95
CA PRO A 185 21.94 21.18 -12.70
C PRO A 185 21.52 20.38 -13.92
N SER A 186 22.18 19.23 -14.11
CA SER A 186 21.74 18.25 -15.11
C SER A 186 20.57 17.47 -14.54
N THR A 187 19.40 17.62 -15.14
CA THR A 187 18.16 17.12 -14.57
C THR A 187 17.77 15.76 -15.15
N VAL A 188 16.96 15.03 -14.39
CA VAL A 188 16.39 13.76 -14.82
C VAL A 188 14.87 13.91 -14.85
N SER A 189 14.16 12.79 -14.97
CA SER A 189 12.71 12.82 -15.09
C SER A 189 12.09 11.79 -14.16
N PHE A 190 10.95 12.15 -13.58
CA PHE A 190 10.15 11.23 -12.77
C PHE A 190 8.75 11.14 -13.39
N PRO A 191 8.32 9.96 -13.88
CA PRO A 191 9.06 8.69 -13.93
C PRO A 191 10.17 8.70 -14.98
N GLY A 192 11.11 7.77 -14.85
CA GLY A 192 12.21 7.67 -15.79
C GLY A 192 13.56 7.49 -15.12
N ALA A 193 13.72 8.08 -13.94
CA ALA A 193 15.00 7.98 -13.24
C ALA A 193 15.19 6.61 -12.62
N TYR A 194 14.15 6.08 -11.97
CA TYR A 194 14.24 4.79 -11.31
C TYR A 194 13.85 3.67 -12.26
N SER A 195 14.47 2.50 -12.07
CA SER A 195 14.19 1.32 -12.87
C SER A 195 14.07 0.12 -11.94
N GLY A 196 13.11 -0.76 -12.24
CA GLY A 196 12.88 -1.93 -11.42
C GLY A 196 14.09 -2.83 -11.26
N SER A 197 15.05 -2.72 -12.17
CA SER A 197 16.25 -3.55 -12.12
C SER A 197 17.45 -2.85 -11.50
N ASP A 198 17.29 -1.62 -11.03
CA ASP A 198 18.41 -0.89 -10.45
C ASP A 198 18.93 -1.62 -9.22
N PRO A 199 20.22 -1.46 -8.89
CA PRO A 199 20.76 -2.13 -7.70
C PRO A 199 20.13 -1.65 -6.40
N GLY A 200 19.48 -0.49 -6.40
CA GLY A 200 18.90 0.04 -5.18
C GLY A 200 17.46 -0.39 -4.98
N VAL A 201 16.74 -0.64 -6.07
CA VAL A 201 15.34 -1.06 -5.99
C VAL A 201 15.32 -2.56 -5.70
N LYS A 202 15.59 -3.37 -6.72
CA LYS A 202 15.66 -4.82 -6.54
C LYS A 202 16.89 -5.16 -5.72
N ILE A 203 16.68 -5.64 -4.50
CA ILE A 203 17.79 -5.94 -3.60
C ILE A 203 17.29 -6.80 -2.44
N SER A 204 18.14 -7.73 -1.99
CA SER A 204 17.86 -8.57 -0.83
C SER A 204 18.75 -8.06 0.31
N ILE A 205 18.17 -7.33 1.25
CA ILE A 205 18.96 -6.72 2.32
C ILE A 205 19.24 -7.68 3.47
N TYR A 206 18.85 -8.94 3.35
CA TYR A 206 19.10 -9.92 4.40
C TYR A 206 19.61 -11.25 3.90
N TRP A 207 19.67 -11.50 2.59
CA TRP A 207 20.04 -12.80 2.05
C TRP A 207 20.78 -12.62 0.74
N PRO A 208 22.09 -12.35 0.80
CA PRO A 208 22.89 -12.15 2.01
C PRO A 208 22.80 -10.74 2.58
N PRO A 209 23.29 -10.55 3.80
CA PRO A 209 23.34 -9.19 4.36
C PRO A 209 24.18 -8.27 3.49
N VAL A 210 23.67 -7.06 3.26
CA VAL A 210 24.34 -6.09 2.40
C VAL A 210 25.27 -5.24 3.25
N THR A 211 26.25 -4.62 2.58
CA THR A 211 27.22 -3.77 3.26
C THR A 211 27.36 -2.44 2.53
N SER A 212 27.26 -2.47 1.20
CA SER A 212 27.32 -1.27 0.37
C SER A 212 26.01 -1.15 -0.41
N TYR A 213 25.41 0.04 -0.35
CA TYR A 213 24.14 0.30 -1.02
C TYR A 213 24.31 1.41 -2.05
N THR A 214 23.58 1.29 -3.15
CA THR A 214 23.62 2.25 -4.25
C THR A 214 22.29 2.97 -4.33
N VAL A 215 22.25 4.21 -3.87
CA VAL A 215 21.01 5.00 -3.92
C VAL A 215 20.62 5.22 -5.38
N PRO A 216 19.40 4.89 -5.79
CA PRO A 216 19.01 5.11 -7.19
C PRO A 216 19.00 6.60 -7.52
N GLY A 217 18.87 6.88 -8.81
CA GLY A 217 18.84 8.24 -9.30
C GLY A 217 20.23 8.75 -9.64
N PRO A 218 20.32 10.02 -10.01
CA PRO A 218 21.61 10.61 -10.38
C PRO A 218 22.45 10.93 -9.15
N SER A 219 23.64 11.45 -9.40
CA SER A 219 24.51 11.88 -8.32
C SER A 219 23.99 13.17 -7.70
N VAL A 220 24.51 13.49 -6.51
CA VAL A 220 24.09 14.69 -5.79
C VAL A 220 24.64 15.93 -6.50
N PHE A 221 23.82 16.96 -6.58
CA PHE A 221 24.22 18.23 -7.17
C PHE A 221 24.82 19.11 -6.08
N THR A 222 26.07 19.52 -6.27
CA THR A 222 26.78 20.37 -5.32
C THR A 222 27.38 21.55 -6.05
N CYS A 223 27.28 22.74 -5.44
CA CYS A 223 27.82 23.95 -6.03
C CYS A 223 29.35 23.94 -5.97
N HIS B 1 -2.99 -4.63 -5.34
CA HIS B 1 -3.80 -3.42 -5.13
C HIS B 1 -5.17 -3.57 -5.80
N THR B 2 -6.20 -3.80 -4.99
CA THR B 2 -7.55 -3.98 -5.49
C THR B 2 -8.51 -3.98 -4.30
N ILE B 3 -9.81 -4.07 -4.60
CA ILE B 3 -10.85 -4.06 -3.58
C ILE B 3 -11.98 -4.98 -4.03
N PHE B 4 -12.54 -5.74 -3.08
CA PHE B 4 -13.81 -6.42 -3.26
C PHE B 4 -14.91 -5.40 -3.00
N SER B 5 -15.42 -4.80 -4.08
CA SER B 5 -16.29 -3.64 -3.96
C SER B 5 -17.77 -3.94 -4.07
N SER B 6 -18.16 -5.06 -4.66
CA SER B 6 -19.56 -5.40 -4.79
C SER B 6 -19.72 -6.91 -4.87
N LEU B 7 -20.85 -7.39 -4.37
CA LEU B 7 -21.19 -8.81 -4.41
C LEU B 7 -22.36 -9.03 -5.36
N GLU B 8 -22.35 -10.19 -6.02
CA GLU B 8 -23.39 -10.59 -6.96
C GLU B 8 -24.10 -11.82 -6.41
N VAL B 9 -25.43 -11.77 -6.40
CA VAL B 9 -26.24 -12.87 -5.87
C VAL B 9 -27.40 -13.12 -6.84
N ASN B 10 -27.46 -14.33 -7.39
CA ASN B 10 -28.52 -14.70 -8.33
C ASN B 10 -28.50 -13.79 -9.57
N GLY B 11 -27.30 -13.58 -10.10
CA GLY B 11 -27.13 -12.75 -11.28
C GLY B 11 -27.46 -11.30 -11.06
N VAL B 12 -27.48 -10.84 -9.81
CA VAL B 12 -27.83 -9.46 -9.48
C VAL B 12 -26.71 -8.87 -8.65
N ASN B 13 -26.13 -7.77 -9.11
CA ASN B 13 -25.17 -7.02 -8.31
C ASN B 13 -25.94 -6.09 -7.36
N GLN B 14 -25.65 -6.21 -6.07
CA GLN B 14 -26.40 -5.47 -5.06
C GLN B 14 -26.01 -4.00 -4.98
N GLY B 15 -24.93 -3.60 -5.66
CA GLY B 15 -24.54 -2.21 -5.72
C GLY B 15 -23.08 -2.02 -5.34
N LEU B 16 -22.64 -0.76 -5.48
CA LEU B 16 -21.27 -0.37 -5.14
C LEU B 16 -21.24 0.13 -3.71
N GLY B 17 -20.46 -0.53 -2.86
CA GLY B 17 -20.39 -0.15 -1.47
C GLY B 17 -21.70 -0.30 -0.72
N GLU B 18 -22.63 -1.08 -1.26
CA GLU B 18 -23.94 -1.31 -0.64
C GLU B 18 -23.97 -2.76 -0.17
N GLY B 19 -23.79 -2.96 1.13
CA GLY B 19 -23.70 -4.29 1.71
C GLY B 19 -22.29 -4.78 1.90
N VAL B 20 -21.29 -4.08 1.36
CA VAL B 20 -19.89 -4.45 1.52
C VAL B 20 -19.17 -3.27 2.15
N ARG B 21 -18.42 -3.53 3.21
CA ARG B 21 -17.66 -2.50 3.93
C ARG B 21 -16.41 -2.20 3.13
N VAL B 22 -16.47 -1.15 2.32
CA VAL B 22 -15.45 -0.87 1.30
C VAL B 22 -14.54 0.25 1.79
N PRO B 23 -13.22 0.11 1.69
CA PRO B 23 -12.33 1.25 1.86
C PRO B 23 -12.09 1.98 0.54
N THR B 24 -11.73 3.26 0.67
CA THR B 24 -11.46 4.07 -0.51
C THR B 24 -10.09 3.77 -1.11
N TYR B 25 -9.14 3.35 -0.29
CA TYR B 25 -7.77 3.10 -0.72
C TYR B 25 -7.53 1.60 -0.79
N ASN B 26 -6.93 1.16 -1.90
CA ASN B 26 -6.69 -0.26 -2.14
C ASN B 26 -5.31 -0.71 -1.66
N GLY B 27 -4.88 -0.21 -0.50
CA GLY B 27 -3.64 -0.65 0.10
C GLY B 27 -3.85 -1.88 0.95
N PRO B 28 -2.91 -2.83 0.88
CA PRO B 28 -3.09 -4.08 1.63
C PRO B 28 -2.80 -3.92 3.11
N ILE B 29 -3.14 -4.97 3.86
CA ILE B 29 -2.80 -5.09 5.27
C ILE B 29 -1.65 -6.11 5.35
N GLU B 30 -0.51 -5.77 5.63
CA GLU B 30 0.66 -6.64 5.69
C GLU B 30 0.93 -7.19 7.08
N ASP B 31 0.30 -6.56 8.15
CA ASP B 31 0.46 -7.05 9.52
C ASP B 31 -0.71 -7.98 9.82
N VAL B 32 -0.44 -9.29 9.78
CA VAL B 32 -1.49 -10.28 10.03
C VAL B 32 -1.95 -10.30 11.48
N THR B 33 -1.28 -9.58 12.36
CA THR B 33 -1.67 -9.53 13.76
C THR B 33 -2.59 -8.37 14.10
N SER B 34 -2.68 -7.37 13.22
CA SER B 34 -3.54 -6.23 13.46
C SER B 34 -5.01 -6.61 13.28
N ALA B 35 -5.89 -5.88 13.97
CA ALA B 35 -7.32 -6.13 13.87
C ALA B 35 -7.88 -5.87 12.48
N SER B 36 -7.12 -5.19 11.62
CA SER B 36 -7.59 -4.89 10.27
C SER B 36 -7.55 -6.09 9.34
N ILE B 37 -6.82 -7.15 9.70
CA ILE B 37 -6.71 -8.31 8.84
C ILE B 37 -8.07 -8.97 8.62
N ALA B 38 -9.02 -8.76 9.54
CA ALA B 38 -10.33 -9.34 9.41
C ALA B 38 -11.13 -8.65 8.31
N CYS B 39 -11.57 -7.42 8.55
CA CYS B 39 -12.38 -6.67 7.61
C CYS B 39 -11.70 -5.38 7.17
N ASN B 40 -10.37 -5.40 7.06
CA ASN B 40 -9.62 -4.23 6.63
C ASN B 40 -9.77 -3.10 7.64
N GLY B 41 -8.91 -2.10 7.54
CA GLY B 41 -8.95 -0.98 8.48
C GLY B 41 -7.60 -0.28 8.50
N SER B 42 -7.31 0.35 9.65
CA SER B 42 -6.07 1.08 9.86
C SER B 42 -4.91 0.34 9.19
N PRO B 43 -4.11 1.02 8.35
CA PRO B 43 -4.14 2.45 8.04
C PRO B 43 -5.20 2.86 7.02
N ASN B 44 -6.03 1.93 6.58
CA ASN B 44 -7.08 2.25 5.60
C ASN B 44 -8.22 3.00 6.30
N THR B 45 -9.33 3.19 5.58
CA THR B 45 -10.52 3.85 6.12
C THR B 45 -11.73 3.14 5.52
N VAL B 46 -12.28 2.19 6.27
CA VAL B 46 -13.42 1.41 5.78
C VAL B 46 -14.71 2.17 6.04
N ALA B 47 -15.64 2.07 5.10
CA ALA B 47 -16.94 2.71 5.21
C ALA B 47 -17.98 1.71 5.71
N SER B 48 -19.09 2.24 6.19
CA SER B 48 -20.17 1.43 6.72
C SER B 48 -21.25 1.22 5.66
N THR B 49 -22.23 0.38 6.00
CA THR B 49 -23.32 0.08 5.09
C THR B 49 -24.45 -0.57 5.88
N SER B 50 -25.65 -0.02 5.76
CA SER B 50 -26.82 -0.54 6.45
C SER B 50 -27.56 -1.61 5.66
N LYS B 51 -27.05 -1.99 4.49
CA LYS B 51 -27.69 -3.00 3.66
C LYS B 51 -27.16 -4.38 4.03
N VAL B 52 -28.07 -5.34 4.19
CA VAL B 52 -27.73 -6.72 4.49
C VAL B 52 -28.33 -7.58 3.38
N ILE B 53 -27.47 -8.29 2.65
CA ILE B 53 -27.91 -9.06 1.50
C ILE B 53 -28.59 -10.33 1.96
N THR B 54 -29.55 -10.80 1.17
CA THR B 54 -30.27 -12.04 1.42
C THR B 54 -29.81 -13.08 0.40
N VAL B 55 -29.23 -14.18 0.90
CA VAL B 55 -28.71 -15.24 0.06
C VAL B 55 -29.32 -16.56 0.50
N GLN B 56 -29.67 -17.41 -0.47
CA GLN B 56 -30.20 -18.73 -0.18
C GLN B 56 -29.04 -19.69 0.05
N ALA B 57 -29.02 -20.34 1.22
CA ALA B 57 -27.97 -21.30 1.53
C ALA B 57 -27.91 -22.37 0.46
N GLY B 58 -26.68 -22.80 0.13
CA GLY B 58 -26.46 -23.76 -0.92
C GLY B 58 -26.22 -23.18 -2.29
N THR B 59 -26.39 -21.87 -2.45
CA THR B 59 -26.13 -21.20 -3.70
C THR B 59 -24.77 -20.51 -3.62
N ASN B 60 -24.26 -19.78 -4.56
CA ASN B 60 -23.01 -19.03 -4.59
C ASN B 60 -23.23 -17.53 -4.54
N VAL B 61 -22.20 -16.88 -4.21
CA VAL B 61 -22.09 -15.43 -4.11
C VAL B 61 -20.76 -15.05 -4.73
N THR B 62 -20.81 -14.36 -5.86
CA THR B 62 -19.60 -14.01 -6.61
C THR B 62 -19.09 -12.66 -6.12
N ALA B 63 -17.85 -12.65 -5.63
CA ALA B 63 -17.22 -11.42 -5.14
C ALA B 63 -16.60 -10.68 -6.32
N ILE B 64 -17.08 -9.47 -6.59
CA ILE B 64 -16.60 -8.67 -7.70
C ILE B 64 -15.42 -7.84 -7.18
N TRP B 65 -14.21 -8.19 -7.64
CA TRP B 65 -13.01 -7.47 -7.26
C TRP B 65 -12.66 -6.43 -8.33
N ARG B 66 -12.30 -5.24 -7.88
CA ARG B 66 -12.03 -4.13 -8.76
C ARG B 66 -10.80 -3.36 -8.26
N TYR B 67 -10.03 -2.82 -9.20
CA TYR B 67 -8.81 -2.10 -8.85
C TYR B 67 -9.11 -0.92 -7.94
N MET B 68 -10.27 -0.29 -8.09
CA MET B 68 -10.65 0.84 -7.26
C MET B 68 -12.16 1.02 -7.36
N LEU B 69 -12.69 1.88 -6.47
CA LEU B 69 -14.13 2.11 -6.46
C LEU B 69 -14.58 2.86 -7.71
N SER B 70 -13.74 3.79 -8.21
CA SER B 70 -14.08 4.54 -9.41
C SER B 70 -13.93 3.71 -10.68
N THR B 71 -13.19 2.60 -10.62
CA THR B 71 -13.00 1.77 -11.80
C THR B 71 -14.34 1.26 -12.31
N THR B 72 -14.47 1.22 -13.63
CA THR B 72 -15.72 0.81 -14.28
C THR B 72 -15.59 -0.46 -15.09
N GLY B 73 -14.45 -0.67 -15.76
CA GLY B 73 -14.28 -1.82 -16.61
C GLY B 73 -14.01 -3.10 -15.83
N ASP B 74 -13.79 -4.18 -16.58
CA ASP B 74 -13.51 -5.49 -16.00
C ASP B 74 -12.27 -6.13 -16.61
N SER B 75 -11.54 -5.42 -17.46
CA SER B 75 -10.32 -5.96 -18.04
C SER B 75 -9.33 -6.32 -16.95
N PRO B 76 -8.31 -7.12 -17.29
CA PRO B 76 -7.33 -7.52 -16.25
C PRO B 76 -6.75 -6.34 -15.47
N ALA B 77 -6.50 -5.20 -16.13
CA ALA B 77 -5.97 -4.04 -15.44
C ALA B 77 -7.01 -3.42 -14.50
N ASP B 78 -8.30 -3.64 -14.75
CA ASP B 78 -9.35 -3.08 -13.93
C ASP B 78 -9.60 -3.88 -12.65
N VAL B 79 -8.93 -5.01 -12.48
CA VAL B 79 -9.06 -5.83 -11.28
C VAL B 79 -7.81 -5.72 -10.39
N MET B 80 -6.65 -6.13 -10.88
CA MET B 80 -5.46 -6.21 -9.92
C MET B 80 -4.28 -6.50 -10.83
N ASP B 81 -3.11 -5.87 -10.71
CA ASP B 81 -1.92 -6.04 -11.54
C ASP B 81 -1.57 -7.51 -11.68
N SER B 82 -1.11 -7.90 -12.87
CA SER B 82 -0.85 -9.30 -13.14
C SER B 82 0.23 -9.87 -12.24
N SER B 83 1.13 -9.03 -11.73
CA SER B 83 2.22 -9.52 -10.88
C SER B 83 1.72 -10.06 -9.56
N HIS B 84 0.48 -9.74 -9.16
CA HIS B 84 -0.06 -10.15 -7.87
C HIS B 84 -0.55 -11.59 -7.98
N LYS B 85 0.40 -12.52 -7.87
CA LYS B 85 0.08 -13.94 -7.91
C LYS B 85 -0.10 -14.47 -6.49
N GLY B 86 -1.19 -15.19 -6.27
CA GLY B 86 -1.50 -15.72 -4.96
C GLY B 86 -2.87 -16.36 -4.91
N PRO B 87 -3.28 -16.81 -3.73
CA PRO B 87 -4.56 -17.50 -3.59
C PRO B 87 -5.74 -16.55 -3.39
N THR B 88 -6.93 -17.13 -3.49
CA THR B 88 -8.19 -16.42 -3.24
C THR B 88 -8.96 -17.22 -2.21
N ILE B 89 -9.40 -16.55 -1.14
CA ILE B 89 -9.99 -17.23 0.01
C ILE B 89 -11.30 -16.56 0.38
N ALA B 90 -12.17 -17.34 1.04
CA ALA B 90 -13.42 -16.83 1.58
C ALA B 90 -13.69 -17.49 2.92
N TYR B 91 -14.31 -16.72 3.82
CA TYR B 91 -14.67 -17.22 5.15
C TYR B 91 -16.10 -16.80 5.47
N LEU B 92 -16.61 -17.33 6.58
CA LEU B 92 -17.92 -16.95 7.11
C LEU B 92 -17.86 -16.96 8.62
N LYS B 93 -18.63 -16.05 9.23
CA LYS B 93 -18.67 -15.92 10.69
C LYS B 93 -20.09 -15.60 11.11
N LYS B 94 -20.64 -16.42 12.01
CA LYS B 94 -21.98 -16.17 12.53
C LYS B 94 -21.94 -14.99 13.51
N VAL B 95 -22.85 -14.04 13.31
CA VAL B 95 -22.94 -12.86 14.16
C VAL B 95 -24.41 -12.59 14.48
N ASP B 96 -24.62 -11.77 15.50
CA ASP B 96 -25.99 -11.38 15.87
C ASP B 96 -26.56 -10.43 14.83
N ASN B 97 -25.82 -9.39 14.48
CA ASN B 97 -26.26 -8.40 13.51
C ASN B 97 -25.08 -8.06 12.60
N ALA B 98 -25.21 -8.40 11.32
CA ALA B 98 -24.13 -8.16 10.37
C ALA B 98 -23.92 -6.69 10.06
N ALA B 99 -24.76 -5.80 10.59
CA ALA B 99 -24.61 -4.38 10.38
C ALA B 99 -23.78 -3.69 11.46
N THR B 100 -23.31 -4.43 12.47
CA THR B 100 -22.51 -3.84 13.53
C THR B 100 -21.37 -4.72 14.02
N ALA B 101 -21.37 -6.03 13.74
CA ALA B 101 -20.27 -6.87 14.17
C ALA B 101 -18.98 -6.45 13.49
N SER B 102 -17.93 -6.25 14.29
CA SER B 102 -16.66 -5.74 13.77
C SER B 102 -15.85 -6.80 13.03
N GLY B 103 -16.15 -8.09 13.25
CA GLY B 103 -15.46 -9.15 12.57
C GLY B 103 -14.23 -9.68 13.28
N VAL B 104 -13.78 -9.03 14.34
CA VAL B 104 -12.61 -9.48 15.09
C VAL B 104 -13.05 -10.48 16.14
N GLY B 105 -12.35 -11.60 16.24
CA GLY B 105 -12.63 -12.64 17.20
C GLY B 105 -12.78 -13.99 16.55
N ASN B 106 -13.11 -14.98 17.38
CA ASN B 106 -13.30 -16.34 16.91
C ASN B 106 -14.70 -16.50 16.30
N GLY B 107 -14.79 -17.38 15.31
CA GLY B 107 -16.04 -17.63 14.63
C GLY B 107 -15.90 -17.80 13.13
N TRP B 108 -14.70 -17.57 12.61
CA TRP B 108 -14.45 -17.69 11.18
C TRP B 108 -14.18 -19.13 10.79
N PHE B 109 -14.81 -19.57 9.70
CA PHE B 109 -14.58 -20.91 9.16
C PHE B 109 -14.49 -20.83 7.65
N LYS B 110 -13.45 -21.43 7.10
CA LYS B 110 -13.18 -21.34 5.67
C LYS B 110 -14.23 -22.12 4.87
N ILE B 111 -14.52 -21.62 3.67
CA ILE B 111 -15.47 -22.28 2.78
C ILE B 111 -14.97 -22.40 1.34
N GLN B 112 -14.04 -21.56 0.89
CA GLN B 112 -13.51 -21.66 -0.46
C GLN B 112 -12.05 -21.23 -0.45
N GLN B 113 -11.25 -21.90 -1.29
CA GLN B 113 -9.84 -21.58 -1.44
C GLN B 113 -9.38 -22.02 -2.82
N ASP B 114 -8.55 -21.20 -3.45
CA ASP B 114 -8.03 -21.51 -4.78
C ASP B 114 -6.60 -20.98 -4.85
N GLY B 115 -5.64 -21.88 -4.64
CA GLY B 115 -4.23 -21.51 -4.73
C GLY B 115 -3.65 -21.76 -6.11
N MET B 116 -2.75 -22.73 -6.22
CA MET B 116 -2.12 -23.08 -7.47
C MET B 116 -2.71 -24.39 -7.99
N ASP B 117 -2.85 -24.48 -9.31
CA ASP B 117 -3.42 -25.66 -9.95
C ASP B 117 -2.30 -26.50 -10.56
N SER B 118 -2.67 -27.54 -11.32
CA SER B 118 -1.70 -28.41 -11.94
C SER B 118 -0.91 -27.71 -13.05
N SER B 119 -1.44 -26.61 -13.59
CA SER B 119 -0.78 -25.87 -14.66
C SER B 119 0.04 -24.71 -14.13
N GLY B 120 0.21 -24.59 -12.82
CA GLY B 120 1.00 -23.52 -12.24
C GLY B 120 0.34 -22.17 -12.21
N VAL B 121 -0.96 -22.09 -12.48
CA VAL B 121 -1.70 -20.84 -12.46
C VAL B 121 -2.29 -20.64 -11.07
N TRP B 122 -2.30 -19.39 -10.61
CA TRP B 122 -2.78 -19.07 -9.28
C TRP B 122 -4.27 -18.71 -9.33
N GLY B 123 -4.84 -18.47 -8.16
CA GLY B 123 -6.24 -18.13 -8.04
C GLY B 123 -6.53 -16.69 -8.45
N THR B 124 -5.60 -15.90 -8.13
N THR B 124 -5.59 -15.92 -8.15
CA THR B 124 -5.74 -14.50 -8.54
CA THR B 124 -5.78 -14.52 -8.52
C THR B 124 -5.89 -14.40 -10.04
C THR B 124 -5.83 -14.34 -10.03
N GLU B 125 -4.95 -14.96 -10.70
CA GLU B 125 -4.89 -14.87 -12.15
C GLU B 125 -6.23 -15.23 -12.79
N ARG B 126 -7.07 -15.99 -12.10
CA ARG B 126 -8.36 -16.39 -12.63
C ARG B 126 -9.44 -15.34 -12.37
N VAL B 127 -9.38 -14.68 -11.22
CA VAL B 127 -10.29 -13.57 -10.95
C VAL B 127 -9.90 -12.36 -11.79
N ILE B 128 -8.60 -12.13 -11.97
CA ILE B 128 -8.14 -11.05 -12.85
C ILE B 128 -8.63 -11.29 -14.27
N ASN B 129 -8.27 -12.45 -14.83
CA ASN B 129 -8.63 -12.79 -16.20
C ASN B 129 -10.05 -13.33 -16.32
N GLY B 130 -10.85 -13.23 -15.26
CA GLY B 130 -12.21 -13.70 -15.29
C GLY B 130 -13.21 -12.63 -14.91
N LYS B 131 -13.01 -11.41 -15.41
CA LYS B 131 -13.94 -10.31 -15.17
C LYS B 131 -14.09 -10.01 -13.69
N GLY B 132 -13.01 -10.16 -12.93
CA GLY B 132 -13.04 -9.88 -11.51
C GLY B 132 -13.99 -10.76 -10.74
N ARG B 133 -14.30 -11.94 -11.26
CA ARG B 133 -15.28 -12.82 -10.63
C ARG B 133 -14.58 -13.80 -9.70
N HIS B 134 -15.03 -13.83 -8.44
CA HIS B 134 -14.52 -14.75 -7.42
C HIS B 134 -15.73 -15.51 -6.89
N SER B 135 -16.01 -16.67 -7.48
CA SER B 135 -17.19 -17.45 -7.11
C SER B 135 -16.99 -18.09 -5.74
N ILE B 136 -18.00 -17.98 -4.90
CA ILE B 136 -17.97 -18.54 -3.55
C ILE B 136 -19.29 -19.25 -3.29
N LYS B 137 -19.23 -20.37 -2.59
CA LYS B 137 -20.40 -21.18 -2.27
C LYS B 137 -20.65 -21.16 -0.76
N ILE B 138 -21.84 -20.73 -0.36
CA ILE B 138 -22.23 -20.82 1.04
C ILE B 138 -22.70 -22.24 1.33
N PRO B 139 -22.24 -22.87 2.42
CA PRO B 139 -22.67 -24.25 2.70
C PRO B 139 -24.18 -24.33 2.86
N GLU B 140 -24.72 -25.51 2.56
CA GLU B 140 -26.15 -25.76 2.67
C GLU B 140 -26.51 -26.48 3.97
N CYS B 141 -25.55 -26.68 4.87
CA CYS B 141 -25.81 -27.36 6.13
C CYS B 141 -25.68 -26.47 7.35
N ILE B 142 -25.06 -25.30 7.23
CA ILE B 142 -24.89 -24.40 8.38
C ILE B 142 -26.24 -23.81 8.74
N ALA B 143 -26.31 -23.14 9.89
CA ALA B 143 -27.55 -22.52 10.35
C ALA B 143 -27.78 -21.19 9.65
N PRO B 144 -29.02 -20.74 9.58
CA PRO B 144 -29.32 -19.45 8.96
C PRO B 144 -29.11 -18.30 9.93
N GLY B 145 -29.20 -17.09 9.39
CA GLY B 145 -29.08 -15.89 10.19
C GLY B 145 -28.08 -14.93 9.58
N GLN B 146 -27.62 -14.00 10.40
CA GLN B 146 -26.67 -12.99 9.96
C GLN B 146 -25.26 -13.54 9.93
N TYR B 147 -24.53 -13.22 8.85
CA TYR B 147 -23.16 -13.70 8.68
C TYR B 147 -22.30 -12.55 8.15
N LEU B 148 -20.99 -12.79 8.10
CA LEU B 148 -20.04 -11.88 7.48
C LEU B 148 -19.16 -12.66 6.52
N LEU B 149 -19.11 -12.22 5.27
CA LEU B 149 -18.34 -12.90 4.23
C LEU B 149 -17.01 -12.17 4.04
N ARG B 150 -15.92 -12.82 4.40
CA ARG B 150 -14.58 -12.24 4.31
C ARG B 150 -13.89 -12.81 3.07
N ALA B 151 -14.18 -12.21 1.92
CA ALA B 151 -13.52 -12.56 0.67
C ALA B 151 -12.13 -11.94 0.64
N GLU B 152 -11.14 -12.72 0.22
CA GLU B 152 -9.76 -12.29 0.29
C GLU B 152 -8.99 -12.71 -0.95
N MET B 153 -7.98 -11.92 -1.29
CA MET B 153 -7.01 -12.26 -2.33
C MET B 153 -5.64 -11.83 -1.84
N ILE B 154 -4.77 -12.80 -1.58
CA ILE B 154 -3.43 -12.54 -1.05
C ILE B 154 -2.46 -12.49 -2.22
N ALA B 155 -1.47 -11.60 -2.13
CA ALA B 155 -0.42 -11.48 -3.13
C ALA B 155 0.91 -11.86 -2.49
N LEU B 156 1.70 -12.66 -3.20
CA LEU B 156 2.95 -13.20 -2.66
C LEU B 156 4.16 -12.84 -3.52
N HIS B 157 4.01 -11.94 -4.49
CA HIS B 157 5.14 -11.55 -5.32
C HIS B 157 6.25 -10.92 -4.49
N ALA B 158 5.89 -10.20 -3.43
CA ALA B 158 6.86 -9.58 -2.53
C ALA B 158 6.86 -10.26 -1.16
N ALA B 159 6.38 -11.50 -1.07
CA ALA B 159 6.32 -12.23 0.18
C ALA B 159 7.54 -13.11 0.42
N SER B 160 8.69 -12.77 -0.18
CA SER B 160 9.89 -13.56 0.03
C SER B 160 10.35 -13.52 1.48
N ASN B 161 10.02 -12.45 2.20
CA ASN B 161 10.39 -12.33 3.61
C ASN B 161 9.34 -11.50 4.31
N TYR B 162 8.65 -12.10 5.28
CA TYR B 162 7.63 -11.39 6.03
C TYR B 162 8.28 -10.31 6.89
N PRO B 163 7.69 -9.10 6.94
CA PRO B 163 6.46 -8.66 6.29
C PRO B 163 6.63 -8.44 4.78
N GLY B 164 5.70 -8.99 3.99
CA GLY B 164 5.76 -8.87 2.56
C GLY B 164 4.46 -9.27 1.89
N ALA B 165 3.83 -10.33 2.37
CA ALA B 165 2.55 -10.76 1.84
C ALA B 165 1.53 -9.63 1.96
N GLN B 166 0.80 -9.39 0.88
CA GLN B 166 -0.14 -8.28 0.79
C GLN B 166 -1.55 -8.86 0.76
N PHE B 167 -2.30 -8.64 1.84
CA PHE B 167 -3.63 -9.22 2.02
C PHE B 167 -4.68 -8.18 1.67
N TYR B 168 -5.61 -8.55 0.78
CA TYR B 168 -6.69 -7.68 0.35
C TYR B 168 -8.00 -8.39 0.69
N MET B 169 -8.74 -7.85 1.67
CA MET B 169 -9.96 -8.50 2.13
C MET B 169 -10.97 -7.45 2.57
N GLU B 170 -12.21 -7.61 2.11
CA GLU B 170 -13.33 -6.81 2.57
C GLU B 170 -14.42 -7.74 3.08
N CYS B 171 -15.38 -7.17 3.82
CA CYS B 171 -16.43 -7.94 4.47
C CYS B 171 -17.80 -7.49 3.98
N ALA B 172 -18.67 -8.46 3.72
CA ALA B 172 -20.03 -8.22 3.28
C ALA B 172 -21.01 -8.68 4.35
N GLN B 173 -22.19 -8.07 4.34
CA GLN B 173 -23.23 -8.32 5.35
C GLN B 173 -24.36 -9.08 4.67
N LEU B 174 -24.60 -10.31 5.11
CA LEU B 174 -25.54 -11.20 4.45
C LEU B 174 -26.63 -11.64 5.42
N ASN B 175 -27.69 -12.23 4.84
CA ASN B 175 -28.83 -12.74 5.59
C ASN B 175 -29.14 -14.15 5.04
N VAL B 176 -28.30 -15.11 5.39
CA VAL B 176 -28.42 -16.45 4.83
C VAL B 176 -29.75 -17.06 5.22
N VAL B 177 -30.50 -17.53 4.22
CA VAL B 177 -31.80 -18.15 4.42
C VAL B 177 -31.75 -19.56 3.83
N GLY B 178 -32.32 -20.52 4.54
CA GLY B 178 -32.39 -21.89 4.10
C GLY B 178 -31.43 -22.83 4.79
N GLY B 179 -30.54 -22.32 5.63
CA GLY B 179 -29.62 -23.15 6.36
C GLY B 179 -30.31 -24.19 7.21
N THR B 180 -29.90 -25.46 7.08
CA THR B 180 -30.49 -26.54 7.86
C THR B 180 -29.89 -26.66 9.25
N GLY B 181 -28.80 -25.94 9.54
CA GLY B 181 -28.17 -26.04 10.84
C GLY B 181 -27.78 -27.45 11.22
N ALA B 182 -27.47 -28.30 10.24
CA ALA B 182 -27.16 -29.69 10.51
C ALA B 182 -25.71 -29.92 10.93
N LYS B 183 -24.94 -28.84 11.16
CA LYS B 183 -23.54 -29.00 11.53
C LYS B 183 -23.01 -27.67 12.03
N THR B 184 -22.18 -27.74 13.06
CA THR B 184 -21.53 -26.55 13.63
C THR B 184 -20.04 -26.59 13.31
N PRO B 185 -19.55 -25.76 12.40
CA PRO B 185 -18.15 -25.88 11.97
C PRO B 185 -17.18 -25.52 13.09
N SER B 186 -15.94 -26.00 12.92
CA SER B 186 -14.84 -25.57 13.77
C SER B 186 -14.32 -24.24 13.25
N THR B 187 -14.18 -23.27 14.16
CA THR B 187 -13.88 -21.90 13.77
C THR B 187 -12.49 -21.48 14.22
N VAL B 188 -11.97 -20.45 13.57
CA VAL B 188 -10.68 -19.85 13.92
C VAL B 188 -10.89 -18.38 14.21
N SER B 189 -9.81 -17.66 14.53
CA SER B 189 -9.89 -16.26 14.91
C SER B 189 -9.06 -15.40 13.97
N PHE B 190 -9.55 -14.19 13.72
CA PHE B 190 -8.82 -13.18 12.96
C PHE B 190 -8.76 -11.92 13.80
N PRO B 191 -7.57 -11.44 14.22
CA PRO B 191 -6.24 -12.00 13.94
C PRO B 191 -5.93 -13.24 14.77
N GLY B 192 -5.16 -14.16 14.20
CA GLY B 192 -4.76 -15.37 14.90
C GLY B 192 -4.69 -16.58 13.99
N ALA B 193 -5.54 -16.62 12.98
CA ALA B 193 -5.54 -17.76 12.05
C ALA B 193 -4.22 -17.84 11.31
N TYR B 194 -3.80 -16.74 10.68
CA TYR B 194 -2.55 -16.71 9.92
C TYR B 194 -1.37 -16.42 10.84
N SER B 195 -0.19 -16.82 10.38
CA SER B 195 1.05 -16.56 11.08
C SER B 195 2.12 -16.20 10.06
N GLY B 196 2.89 -15.16 10.34
CA GLY B 196 3.91 -14.68 9.43
C GLY B 196 4.86 -15.75 8.94
N SER B 197 5.00 -16.82 9.71
CA SER B 197 5.92 -17.90 9.38
C SER B 197 5.25 -19.03 8.60
N ASP B 198 3.98 -18.90 8.26
CA ASP B 198 3.29 -19.96 7.53
C ASP B 198 3.95 -20.16 6.17
N PRO B 199 4.00 -21.40 5.67
CA PRO B 199 4.64 -21.64 4.36
C PRO B 199 3.90 -20.97 3.21
N GLY B 200 2.61 -20.68 3.36
CA GLY B 200 1.88 -19.99 2.32
C GLY B 200 2.06 -18.49 2.35
N VAL B 201 2.34 -17.92 3.52
CA VAL B 201 2.57 -16.49 3.65
C VAL B 201 4.01 -16.19 3.24
N LYS B 202 4.96 -16.51 4.11
CA LYS B 202 6.38 -16.30 3.82
C LYS B 202 6.80 -17.33 2.76
N ILE B 203 6.95 -16.88 1.53
CA ILE B 203 7.26 -17.77 0.42
C ILE B 203 7.88 -16.95 -0.71
N SER B 204 8.93 -17.50 -1.30
CA SER B 204 9.58 -16.89 -2.47
C SER B 204 9.14 -17.70 -3.69
N ILE B 205 8.12 -17.20 -4.39
CA ILE B 205 7.56 -17.92 -5.52
C ILE B 205 8.49 -17.95 -6.73
N TYR B 206 9.55 -17.16 -6.73
CA TYR B 206 10.46 -17.13 -7.87
C TYR B 206 11.51 -18.24 -7.77
N TRP B 207 11.98 -18.55 -6.57
CA TRP B 207 13.05 -19.51 -6.37
C TRP B 207 12.63 -20.52 -5.29
N PRO B 208 12.37 -21.79 -5.65
CA PRO B 208 12.33 -22.37 -7.00
C PRO B 208 10.97 -22.18 -7.68
N PRO B 209 10.87 -22.57 -8.96
CA PRO B 209 9.57 -22.50 -9.64
C PRO B 209 8.48 -23.21 -8.85
N VAL B 210 7.74 -22.44 -8.05
CA VAL B 210 6.72 -23.03 -7.20
C VAL B 210 5.70 -23.78 -8.04
N THR B 211 5.38 -25.00 -7.61
CA THR B 211 4.38 -25.83 -8.28
C THR B 211 3.26 -26.28 -7.37
N SER B 212 3.47 -26.32 -6.06
CA SER B 212 2.46 -26.73 -5.09
C SER B 212 2.41 -25.69 -3.97
N TYR B 213 1.25 -25.09 -3.78
CA TYR B 213 1.07 -24.03 -2.79
C TYR B 213 0.06 -24.46 -1.74
N THR B 214 0.31 -24.05 -0.50
CA THR B 214 -0.55 -24.36 0.63
C THR B 214 -1.24 -23.08 1.08
N VAL B 215 -2.55 -23.02 0.91
CA VAL B 215 -3.34 -21.85 1.31
C VAL B 215 -3.30 -21.72 2.82
N PRO B 216 -2.85 -20.59 3.37
CA PRO B 216 -2.81 -20.46 4.84
C PRO B 216 -4.22 -20.51 5.44
N GLY B 217 -4.28 -20.84 6.71
CA GLY B 217 -5.53 -20.97 7.41
C GLY B 217 -5.94 -22.41 7.58
N PRO B 218 -7.14 -22.64 8.08
CA PRO B 218 -7.63 -24.01 8.29
C PRO B 218 -8.05 -24.65 6.97
N SER B 219 -8.59 -25.85 7.06
CA SER B 219 -9.13 -26.54 5.90
C SER B 219 -10.55 -26.06 5.60
N VAL B 220 -10.92 -26.14 4.34
CA VAL B 220 -12.24 -25.66 3.93
C VAL B 220 -13.32 -26.50 4.59
N PHE B 221 -14.36 -25.82 5.08
CA PHE B 221 -15.48 -26.50 5.70
C PHE B 221 -16.37 -27.13 4.63
N THR B 222 -16.75 -28.38 4.84
CA THR B 222 -17.59 -29.11 3.91
C THR B 222 -18.73 -29.79 4.65
N CYS B 223 -19.88 -29.88 3.99
CA CYS B 223 -21.06 -30.50 4.58
C CYS B 223 -21.00 -32.01 4.42
C1 NAG C . 21.26 20.62 6.19
C2 NAG C . 21.79 20.10 7.52
C3 NAG C . 23.07 19.30 7.31
C4 NAG C . 22.85 18.21 6.27
C5 NAG C . 22.28 18.80 4.99
C6 NAG C . 21.94 17.76 3.95
C7 NAG C . 21.06 21.72 9.23
C8 NAG C . 21.48 22.83 10.14
N2 NAG C . 22.02 21.19 8.46
O3 NAG C . 23.48 18.72 8.55
O4 NAG C . 24.09 17.56 5.99
O5 NAG C . 21.08 19.52 5.28
O6 NAG C . 21.03 18.27 2.99
O7 NAG C . 19.91 21.29 9.20
H1 NAG C . 21.91 21.25 5.81
H2 NAG C . 21.12 19.50 7.91
H3 NAG C . 23.77 19.90 6.99
H4 NAG C . 22.22 17.55 6.63
H5 NAG C . 22.95 19.42 4.61
H61 NAG C . 22.75 17.47 3.51
H62 NAG C . 21.52 17.00 4.41
H81 NAG C . 22.38 22.66 10.46
H82 NAG C . 21.48 23.67 9.63
H83 NAG C . 20.86 22.90 10.88
DN2 NAG C . 22.86 21.53 8.52
DO3 NAG C . 22.78 18.66 9.09
DO6 NAG C . 21.44 18.36 2.21
C1 NAG C . 24.13 16.20 6.37
C2 NAG C . 25.41 15.62 5.78
C3 NAG C . 25.61 14.18 6.27
C4 NAG C . 25.56 14.14 7.80
C5 NAG C . 24.27 14.79 8.30
C6 NAG C . 24.20 14.89 9.81
C7 NAG C . 25.79 16.71 3.62
C8 NAG C . 25.69 16.58 2.13
N2 NAG C . 25.39 15.65 4.33
O3 NAG C . 26.88 13.70 5.82
O4 NAG C . 25.60 12.78 8.24
O5 NAG C . 24.17 16.13 7.79
O6 NAG C . 25.44 15.34 10.35
O7 NAG C . 26.21 17.73 4.16
H1 NAG C . 23.36 15.68 6.04
H2 NAG C . 26.16 16.15 6.10
H3 NAG C . 24.91 13.62 5.92
H4 NAG C . 26.32 14.63 8.16
H5 NAG C . 23.50 14.28 7.98
H61 NAG C . 23.50 15.51 10.06
H62 NAG C . 24.00 14.01 10.18
H81 NAG C . 26.24 15.83 1.84
H82 NAG C . 26.01 17.40 1.71
H83 NAG C . 24.76 16.43 1.88
DN2 NAG C . 25.08 14.92 3.88
DO3 NAG C . 27.49 14.32 5.98
DO4 NAG C . 26.44 12.54 8.35
DO6 NAG C . 25.65 14.84 11.05
C1 NAG D . -19.61 -21.99 -6.43
C2 NAG D . -19.28 -22.26 -7.90
C3 NAG D . -18.35 -23.46 -8.02
C4 NAG D . -17.12 -23.27 -7.15
C5 NAG D . -17.53 -22.96 -5.72
C6 NAG D . -16.36 -22.66 -4.82
C7 NAG D . -21.01 -21.56 -9.51
C8 NAG D . -22.26 -21.95 -10.22
N2 NAG D . -20.50 -22.47 -8.67
O3 NAG D . -17.97 -23.63 -9.38
O4 NAG D . -16.32 -24.44 -7.17
O5 NAG D . -18.39 -21.81 -5.69
O6 NAG D . -16.77 -22.01 -3.62
O7 NAG D . -20.47 -20.46 -9.68
H1 NAG D . -20.11 -22.73 -6.07
H2 NAG D . -18.82 -21.47 -8.26
H3 NAG D . -18.83 -24.26 -7.73
H4 NAG D . -16.60 -22.52 -7.50
H5 NAG D . -18.02 -23.73 -5.36
H61 NAG D . -15.74 -22.07 -5.28
H62 NAG D . -15.91 -23.49 -4.59
H81 NAG D . -22.93 -21.25 -10.10
H82 NAG D . -22.60 -22.78 -9.86
H83 NAG D . -22.07 -22.06 -11.17
DN2 NAG D . -20.94 -23.27 -8.58
DO3 NAG D . -17.12 -23.88 -9.42
DO6 NAG D . -16.30 -22.33 -2.93
C1 NAG D . -15.05 -24.13 -7.75
C2 NAG D . -14.21 -25.39 -7.50
C3 NAG D . -12.83 -25.23 -8.12
C4 NAG D . -12.95 -24.86 -9.59
C5 NAG D . -13.85 -23.63 -9.76
C6 NAG D . -14.11 -23.29 -11.21
C7 NAG D . -15.04 -26.34 -5.39
C8 NAG D . -14.76 -26.54 -3.93
N2 NAG D . -14.10 -25.66 -6.08
O3 NAG D . -12.11 -26.45 -7.99
O4 NAG D . -11.66 -24.56 -10.13
O5 NAG D . -15.12 -23.88 -9.15
O6 NAG D . -14.89 -22.10 -11.32
O7 NAG D . -16.05 -26.78 -5.93
H1 NAG D . -14.63 -23.38 -7.31
H2 NAG D . -14.66 -26.14 -7.94
H3 NAG D . -12.34 -24.52 -7.65
H4 NAG D . -13.34 -25.61 -10.09
H5 NAG D . -13.42 -22.87 -9.32
H61 NAG D . -13.26 -23.15 -11.66
H62 NAG D . -14.58 -24.02 -11.63
H81 NAG D . -14.92 -25.70 -3.45
H82 NAG D . -15.35 -27.23 -3.58
H83 NAG D . -13.83 -26.80 -3.81
HN2 NAG D . -13.37 -25.35 -5.63
DN2 NAG D . -13.37 -25.35 -5.63
DO3 NAG D . -12.59 -27.12 -8.31
HO4 NAG D . -11.72 -24.47 -11.01
HO6 NAG D . -15.75 -22.32 -11.39
CU CU E . 4.87 0.57 5.29
O1 PEO F . 5.40 -1.23 4.64
O2 PEO F . 5.08 -2.64 4.37
DO2 PEO F . 4.15 -2.72 4.09
O1 OXY G . 5.23 -1.27 4.71
O2 OXY G . 4.75 -2.40 4.35
CU CU H . -0.80 -4.35 -5.18
#